data_1R88
#
_entry.id   1R88
#
_cell.length_a   59.900
_cell.length_b   108.900
_cell.length_c   109.800
_cell.angle_alpha   90.00
_cell.angle_beta   90.00
_cell.angle_gamma   90.00
#
_symmetry.space_group_name_H-M   'P 21 21 21'
#
loop_
_entity.id
_entity.type
_entity.pdbx_description
1 polymer 'MPT51/MPB51 antigen'
2 water water
#
_entity_poly.entity_id   1
_entity_poly.type   'polypeptide(L)'
_entity_poly.pdbx_seq_one_letter_code
;MAEPTAKAAPYENLMVPSPSMGRDIPVAFLAGGPHAVYLLDAFNAGPDVSNWVTAGNAMNTLAGKGISVVAPAGGAYSMY
TNWEQDGSKQWDTFLSAELPDWLAANRGLAPGGHAAVGAAQGGYGAMALAAFHPDRFGFAGSMSGFLYPSNTTTNGAIAA
GMQQFGGVDTNGMWGAPQLGRWKWHDPWVHASLLAQNNTRVWVWSPTNPGASDPAAMIGQAAEAMGNSRMFYNQYRSVGG
HNGHFDFPASGDNGWGSWAPQLGAMSGDIVGAIRHHHHHH
;
_entity_poly.pdbx_strand_id   A,B
#
# COMPACT_ATOMS: atom_id res chain seq x y z
N ALA A 8 -41.08 -21.61 -8.20
CA ALA A 8 -40.74 -20.40 -9.00
C ALA A 8 -40.60 -20.76 -10.48
N ALA A 9 -39.57 -21.53 -10.82
CA ALA A 9 -39.30 -21.96 -12.19
C ALA A 9 -38.26 -23.07 -12.15
N PRO A 10 -38.58 -24.23 -12.74
CA PRO A 10 -37.59 -25.31 -12.84
C PRO A 10 -36.30 -24.90 -13.56
N TYR A 11 -35.18 -25.40 -13.05
CA TYR A 11 -33.91 -25.34 -13.76
C TYR A 11 -33.15 -26.64 -13.50
N GLU A 12 -32.19 -26.95 -14.38
CA GLU A 12 -31.38 -28.15 -14.23
C GLU A 12 -30.28 -27.98 -13.19
N ASN A 13 -30.20 -28.93 -12.27
CA ASN A 13 -29.07 -29.03 -11.36
C ASN A 13 -28.02 -29.96 -11.97
N LEU A 14 -27.23 -29.42 -12.90
CA LEU A 14 -26.20 -30.20 -13.60
C LEU A 14 -25.06 -30.58 -12.66
N MET A 15 -24.43 -31.72 -12.94
CA MET A 15 -23.18 -32.10 -12.32
C MET A 15 -22.16 -32.28 -13.45
N VAL A 16 -21.46 -31.18 -13.74
CA VAL A 16 -20.53 -31.12 -14.87
C VAL A 16 -19.15 -31.58 -14.41
N PRO A 17 -18.60 -32.63 -15.02
CA PRO A 17 -17.25 -33.08 -14.67
C PRO A 17 -16.19 -32.00 -14.90
N SER A 18 -15.28 -31.85 -13.95
CA SER A 18 -14.08 -31.02 -14.13
C SER A 18 -12.87 -31.93 -13.96
N PRO A 19 -12.38 -32.50 -15.05
CA PRO A 19 -11.14 -33.29 -14.99
C PRO A 19 -9.98 -32.55 -14.30
N SER A 20 -9.87 -31.24 -14.52
CA SER A 20 -8.77 -30.45 -13.95
C SER A 20 -8.85 -30.33 -12.42
N MET A 21 -10.07 -30.29 -11.87
CA MET A 21 -10.26 -30.26 -10.41
C MET A 21 -10.49 -31.63 -9.79
N GLY A 22 -10.71 -32.65 -10.62
CA GLY A 22 -10.90 -34.02 -10.14
C GLY A 22 -12.22 -34.29 -9.44
N ARG A 23 -13.26 -33.52 -9.77
CA ARG A 23 -14.59 -33.74 -9.23
C ARG A 23 -15.67 -33.12 -10.12
N ASP A 24 -16.93 -33.48 -9.88
CA ASP A 24 -18.06 -32.86 -10.58
C ASP A 24 -18.43 -31.56 -9.89
N ILE A 25 -18.74 -30.54 -10.69
CA ILE A 25 -19.11 -29.22 -10.21
C ILE A 25 -20.62 -29.05 -10.37
N PRO A 26 -21.34 -28.71 -9.30
CA PRO A 26 -22.76 -28.37 -9.44
C PRO A 26 -22.93 -27.08 -10.25
N VAL A 27 -23.77 -27.12 -11.28
CA VAL A 27 -24.04 -25.95 -12.12
C VAL A 27 -25.55 -25.80 -12.34
N ALA A 28 -26.12 -24.75 -11.79
CA ALA A 28 -27.52 -24.42 -12.05
C ALA A 28 -27.62 -23.91 -13.48
N PHE A 29 -28.52 -24.49 -14.26
CA PHE A 29 -28.61 -24.20 -15.70
C PHE A 29 -30.06 -24.03 -16.14
N LEU A 30 -30.40 -22.82 -16.59
CA LEU A 30 -31.69 -22.57 -17.22
C LEU A 30 -31.45 -22.32 -18.70
N ALA A 31 -31.94 -23.21 -19.55
CA ALA A 31 -31.80 -23.07 -20.98
C ALA A 31 -32.66 -21.90 -21.46
N GLY A 32 -32.09 -21.04 -22.29
CA GLY A 32 -32.83 -19.96 -22.91
C GLY A 32 -32.29 -19.50 -24.26
N GLY A 33 -31.28 -20.21 -24.77
CA GLY A 33 -30.65 -19.86 -26.03
C GLY A 33 -29.21 -20.33 -26.12
N PRO A 34 -28.62 -20.24 -27.30
CA PRO A 34 -27.23 -20.70 -27.52
C PRO A 34 -26.16 -19.93 -26.74
N HIS A 35 -26.42 -18.68 -26.36
CA HIS A 35 -25.48 -17.89 -25.58
C HIS A 35 -25.94 -17.76 -24.13
N ALA A 36 -24.98 -17.78 -23.21
CA ALA A 36 -25.26 -17.82 -21.78
C ALA A 36 -24.58 -16.71 -21.02
N VAL A 37 -25.12 -16.40 -19.84
CA VAL A 37 -24.41 -15.58 -18.86
C VAL A 37 -23.98 -16.49 -17.71
N TYR A 38 -22.68 -16.49 -17.43
CA TYR A 38 -22.09 -17.24 -16.32
C TYR A 38 -22.11 -16.33 -15.11
N LEU A 39 -22.74 -16.78 -14.02
CA LEU A 39 -22.86 -15.99 -12.80
C LEU A 39 -21.92 -16.52 -11.74
N LEU A 40 -21.04 -15.64 -11.22
CA LEU A 40 -19.97 -16.02 -10.32
C LEU A 40 -20.17 -15.40 -8.94
N ASP A 41 -20.12 -16.26 -7.92
CA ASP A 41 -20.45 -15.92 -6.55
C ASP A 41 -19.45 -15.00 -5.86
N ALA A 42 -19.84 -14.47 -4.71
CA ALA A 42 -18.92 -13.76 -3.82
C ALA A 42 -18.02 -14.75 -3.07
N PHE A 43 -17.13 -14.24 -2.22
CA PHE A 43 -16.09 -15.04 -1.58
C PHE A 43 -16.63 -16.21 -0.77
N ASN A 44 -17.68 -15.98 0.02
CA ASN A 44 -18.33 -17.07 0.77
C ASN A 44 -19.40 -17.78 -0.07
N ALA A 45 -18.93 -18.37 -1.18
CA ALA A 45 -19.81 -18.93 -2.20
C ALA A 45 -20.53 -20.16 -1.70
N GLY A 46 -21.78 -20.32 -2.13
CA GLY A 46 -22.57 -21.51 -1.82
C GLY A 46 -21.88 -22.75 -2.33
N PRO A 47 -21.63 -23.74 -1.46
CA PRO A 47 -20.96 -24.99 -1.87
C PRO A 47 -21.76 -25.85 -2.85
N ASP A 48 -23.08 -25.89 -2.70
CA ASP A 48 -23.95 -26.76 -3.48
C ASP A 48 -24.83 -26.02 -4.49
N VAL A 49 -25.30 -24.84 -4.09
CA VAL A 49 -26.11 -23.98 -4.94
C VAL A 49 -25.56 -22.56 -4.86
N SER A 50 -25.34 -21.95 -6.02
CA SER A 50 -24.80 -20.59 -6.10
C SER A 50 -25.72 -19.62 -5.36
N ASN A 51 -25.12 -18.68 -4.64
CA ASN A 51 -25.89 -17.64 -3.96
C ASN A 51 -26.61 -16.72 -4.95
N TRP A 52 -26.18 -16.72 -6.21
CA TRP A 52 -26.91 -16.01 -7.27
C TRP A 52 -28.33 -16.54 -7.45
N VAL A 53 -28.52 -17.83 -7.24
CA VAL A 53 -29.84 -18.45 -7.34
C VAL A 53 -30.72 -18.10 -6.14
N THR A 54 -30.17 -18.22 -4.94
CA THR A 54 -30.95 -18.06 -3.70
C THR A 54 -31.10 -16.60 -3.25
N ALA A 55 -29.98 -15.89 -3.08
CA ALA A 55 -29.97 -14.50 -2.65
C ALA A 55 -29.98 -13.49 -3.80
N GLY A 56 -29.55 -13.94 -4.98
CA GLY A 56 -29.40 -13.07 -6.13
C GLY A 56 -30.61 -13.03 -7.04
N ASN A 57 -31.58 -13.92 -6.78
CA ASN A 57 -32.83 -13.97 -7.54
C ASN A 57 -32.59 -14.05 -9.05
N ALA A 58 -31.59 -14.83 -9.44
CA ALA A 58 -31.08 -14.79 -10.82
C ALA A 58 -32.06 -15.37 -11.83
N MET A 59 -32.67 -16.50 -11.49
CA MET A 59 -33.56 -17.20 -12.41
C MET A 59 -34.85 -16.43 -12.70
N ASN A 60 -35.37 -15.73 -11.70
CA ASN A 60 -36.53 -14.87 -11.89
C ASN A 60 -36.20 -13.65 -12.74
N THR A 61 -35.04 -13.06 -12.47
CA THR A 61 -34.61 -11.83 -13.13
C THR A 61 -34.29 -12.04 -14.62
N LEU A 62 -33.69 -13.18 -14.95
CA LEU A 62 -33.16 -13.41 -16.29
C LEU A 62 -33.98 -14.34 -17.19
N ALA A 63 -34.99 -15.01 -16.63
CA ALA A 63 -35.80 -15.96 -17.39
C ALA A 63 -36.56 -15.29 -18.53
N GLY A 64 -36.71 -16.02 -19.64
CA GLY A 64 -37.52 -15.57 -20.76
C GLY A 64 -36.95 -14.44 -21.60
N LYS A 65 -35.64 -14.23 -21.53
CA LYS A 65 -34.98 -13.11 -22.23
C LYS A 65 -34.11 -13.54 -23.42
N GLY A 66 -34.11 -14.85 -23.72
CA GLY A 66 -33.42 -15.36 -24.90
C GLY A 66 -31.95 -15.72 -24.70
N ILE A 67 -31.51 -15.76 -23.45
CA ILE A 67 -30.17 -16.25 -23.10
C ILE A 67 -30.24 -17.33 -22.02
N SER A 68 -29.26 -18.21 -22.00
CA SER A 68 -29.14 -19.22 -20.95
C SER A 68 -28.54 -18.62 -19.68
N VAL A 69 -28.79 -19.25 -18.54
CA VAL A 69 -28.21 -18.86 -17.26
C VAL A 69 -27.41 -20.03 -16.71
N VAL A 70 -26.17 -19.75 -16.31
CA VAL A 70 -25.23 -20.77 -15.86
C VAL A 70 -24.59 -20.28 -14.56
N ALA A 71 -24.78 -21.01 -13.47
CA ALA A 71 -24.30 -20.58 -12.15
C ALA A 71 -23.59 -21.73 -11.43
N PRO A 72 -22.27 -21.82 -11.60
CA PRO A 72 -21.50 -22.87 -10.92
C PRO A 72 -21.32 -22.63 -9.43
N ALA A 73 -21.47 -23.69 -8.65
CA ALA A 73 -21.33 -23.65 -7.20
C ALA A 73 -20.00 -24.24 -6.78
N GLY A 74 -19.61 -23.98 -5.53
CA GLY A 74 -18.45 -24.60 -4.92
C GLY A 74 -17.14 -23.82 -5.02
N GLY A 75 -17.20 -22.59 -5.50
CA GLY A 75 -16.01 -21.79 -5.76
C GLY A 75 -15.62 -20.82 -4.67
N ALA A 76 -15.92 -21.15 -3.41
CA ALA A 76 -15.62 -20.23 -2.30
C ALA A 76 -14.13 -19.98 -2.16
N TYR A 77 -13.75 -18.74 -1.85
CA TYR A 77 -12.37 -18.38 -1.53
C TYR A 77 -11.38 -18.92 -2.58
N SER A 78 -11.69 -18.64 -3.84
CA SER A 78 -10.91 -19.14 -4.97
C SER A 78 -10.45 -18.08 -5.99
N MET A 79 -11.04 -16.89 -5.95
CA MET A 79 -10.87 -15.87 -7.01
C MET A 79 -11.21 -16.40 -8.41
N TYR A 80 -11.96 -17.50 -8.47
CA TYR A 80 -12.28 -18.17 -9.74
C TYR A 80 -11.09 -18.25 -10.70
N THR A 81 -9.95 -18.63 -10.17
CA THR A 81 -8.71 -18.74 -10.93
C THR A 81 -8.07 -20.12 -10.75
N ASN A 82 -7.00 -20.39 -11.50
CA ASN A 82 -6.19 -21.59 -11.31
C ASN A 82 -5.17 -21.33 -10.21
N TRP A 83 -5.11 -22.23 -9.23
CA TRP A 83 -4.16 -22.13 -8.13
C TRP A 83 -2.92 -22.96 -8.44
N GLU A 84 -1.75 -22.39 -8.16
CA GLU A 84 -0.49 -23.06 -8.43
C GLU A 84 -0.27 -24.29 -7.54
N GLN A 85 -0.83 -24.25 -6.33
CA GLN A 85 -0.60 -25.29 -5.33
C GLN A 85 -1.88 -25.92 -4.77
N ASP A 86 -3.01 -25.73 -5.46
CA ASP A 86 -4.27 -26.35 -5.08
C ASP A 86 -4.98 -26.92 -6.31
N GLY A 87 -4.91 -28.24 -6.45
CA GLY A 87 -5.51 -28.93 -7.58
C GLY A 87 -7.03 -28.92 -7.59
N SER A 88 -7.63 -28.71 -6.43
CA SER A 88 -9.09 -28.60 -6.31
C SER A 88 -9.62 -27.21 -6.69
N LYS A 89 -8.73 -26.26 -6.97
CA LYS A 89 -9.11 -24.92 -7.44
C LYS A 89 -8.46 -24.61 -8.78
N GLN A 90 -9.12 -25.04 -9.86
CA GLN A 90 -8.66 -24.79 -11.22
C GLN A 90 -9.81 -24.18 -12.01
N TRP A 91 -10.25 -23.03 -11.52
CA TRP A 91 -11.47 -22.38 -12.00
C TRP A 91 -11.31 -21.64 -13.32
N ASP A 92 -10.09 -21.18 -13.63
CA ASP A 92 -9.87 -20.57 -14.95
C ASP A 92 -10.02 -21.62 -16.06
N THR A 93 -9.47 -22.80 -15.84
CA THR A 93 -9.60 -23.89 -16.81
C THR A 93 -11.05 -24.36 -16.92
N PHE A 94 -11.72 -24.51 -15.78
CA PHE A 94 -13.10 -24.99 -15.79
C PHE A 94 -14.03 -24.01 -16.49
N LEU A 95 -13.97 -22.74 -16.10
CA LEU A 95 -14.92 -21.74 -16.59
C LEU A 95 -14.65 -21.32 -18.03
N SER A 96 -13.37 -21.36 -18.44
CA SER A 96 -12.99 -20.91 -19.79
C SER A 96 -12.90 -22.02 -20.83
N ALA A 97 -12.94 -23.28 -20.39
CA ALA A 97 -12.75 -24.41 -21.28
C ALA A 97 -13.69 -25.57 -20.99
N GLU A 98 -13.56 -26.20 -19.82
CA GLU A 98 -14.27 -27.44 -19.54
C GLU A 98 -15.79 -27.26 -19.52
N LEU A 99 -16.26 -26.18 -18.91
CA LEU A 99 -17.69 -25.89 -18.80
C LEU A 99 -18.32 -25.50 -20.16
N PRO A 100 -17.78 -24.51 -20.86
CA PRO A 100 -18.31 -24.17 -22.19
C PRO A 100 -18.20 -25.32 -23.19
N ASP A 101 -17.17 -26.15 -23.08
CA ASP A 101 -17.04 -27.31 -23.96
C ASP A 101 -18.10 -28.36 -23.64
N TRP A 102 -18.37 -28.55 -22.35
CA TRP A 102 -19.41 -29.49 -21.92
C TRP A 102 -20.79 -29.03 -22.38
N LEU A 103 -21.06 -27.73 -22.25
CA LEU A 103 -22.37 -27.18 -22.62
C LEU A 103 -22.57 -27.19 -24.13
N ALA A 104 -21.48 -27.04 -24.88
CA ALA A 104 -21.55 -27.13 -26.33
C ALA A 104 -21.84 -28.58 -26.76
N ALA A 105 -21.22 -29.53 -26.06
CA ALA A 105 -21.32 -30.94 -26.41
C ALA A 105 -22.62 -31.60 -25.92
N ASN A 106 -23.18 -31.08 -24.83
CA ASN A 106 -24.27 -31.75 -24.13
C ASN A 106 -25.58 -30.98 -24.05
N ARG A 107 -25.53 -29.66 -24.22
CA ARG A 107 -26.73 -28.82 -24.18
C ARG A 107 -26.88 -27.87 -25.38
N GLY A 108 -26.05 -28.06 -26.42
CA GLY A 108 -26.21 -27.35 -27.67
C GLY A 108 -25.91 -25.86 -27.66
N LEU A 109 -25.16 -25.39 -26.68
CA LEU A 109 -24.79 -23.98 -26.62
C LEU A 109 -23.63 -23.67 -27.57
N ALA A 110 -23.54 -22.39 -27.96
CA ALA A 110 -22.41 -21.90 -28.75
C ALA A 110 -21.12 -22.01 -27.94
N PRO A 111 -19.98 -22.11 -28.63
CA PRO A 111 -18.69 -22.16 -27.94
C PRO A 111 -18.33 -20.84 -27.27
N GLY A 112 -18.70 -19.73 -27.89
CA GLY A 112 -18.28 -18.41 -27.43
C GLY A 112 -19.37 -17.36 -27.46
N GLY A 113 -18.97 -16.11 -27.30
CA GLY A 113 -19.88 -14.98 -27.30
C GLY A 113 -20.77 -14.92 -26.06
N HIS A 114 -20.29 -15.47 -24.96
CA HIS A 114 -21.05 -15.54 -23.72
C HIS A 114 -20.76 -14.32 -22.83
N ALA A 115 -21.48 -14.23 -21.72
CA ALA A 115 -21.24 -13.20 -20.73
C ALA A 115 -20.78 -13.84 -19.43
N ALA A 116 -19.94 -13.14 -18.68
CA ALA A 116 -19.57 -13.52 -17.32
C ALA A 116 -19.89 -12.34 -16.43
N VAL A 117 -20.60 -12.58 -15.34
CA VAL A 117 -21.01 -11.54 -14.41
C VAL A 117 -20.83 -12.06 -13.00
N GLY A 118 -20.31 -11.23 -12.10
CA GLY A 118 -20.13 -11.66 -10.73
C GLY A 118 -19.96 -10.56 -9.71
N ALA A 119 -20.00 -10.93 -8.44
CA ALA A 119 -19.81 -10.02 -7.32
C ALA A 119 -18.58 -10.41 -6.50
N ALA A 120 -17.87 -9.41 -5.98
CA ALA A 120 -16.65 -9.63 -5.19
C ALA A 120 -15.58 -10.43 -5.96
N GLN A 121 -15.23 -11.63 -5.50
CA GLN A 121 -14.30 -12.49 -6.25
C GLN A 121 -14.84 -12.82 -7.64
N GLY A 122 -16.16 -12.89 -7.75
CA GLY A 122 -16.82 -13.15 -9.03
C GLY A 122 -16.73 -11.99 -9.99
N GLY A 123 -16.64 -10.77 -9.47
CA GLY A 123 -16.42 -9.59 -10.28
C GLY A 123 -15.02 -9.59 -10.88
N TYR A 124 -14.03 -9.90 -10.05
CA TYR A 124 -12.67 -10.13 -10.55
C TYR A 124 -12.70 -11.22 -11.61
N GLY A 125 -13.35 -12.34 -11.29
CA GLY A 125 -13.33 -13.51 -12.13
C GLY A 125 -13.92 -13.26 -13.50
N ALA A 126 -15.01 -12.51 -13.54
CA ALA A 126 -15.70 -12.19 -14.78
C ALA A 126 -14.80 -11.35 -15.70
N MET A 127 -14.14 -10.35 -15.12
CA MET A 127 -13.29 -9.43 -15.89
C MET A 127 -12.03 -10.15 -16.38
N ALA A 128 -11.47 -11.02 -15.55
CA ALA A 128 -10.27 -11.80 -15.91
C ALA A 128 -10.57 -12.81 -17.02
N LEU A 129 -11.75 -13.42 -16.97
CA LEU A 129 -12.15 -14.42 -17.98
C LEU A 129 -12.28 -13.78 -19.35
N ALA A 130 -12.87 -12.60 -19.41
CA ALA A 130 -13.06 -11.91 -20.69
C ALA A 130 -11.75 -11.35 -21.23
N ALA A 131 -10.88 -10.91 -20.32
CA ALA A 131 -9.60 -10.31 -20.70
C ALA A 131 -8.71 -11.33 -21.40
N PHE A 132 -8.61 -12.52 -20.82
CA PHE A 132 -7.69 -13.54 -21.27
C PHE A 132 -8.34 -14.62 -22.14
N HIS A 133 -9.67 -14.61 -22.22
CA HIS A 133 -10.40 -15.55 -23.07
C HIS A 133 -11.55 -14.84 -23.82
N PRO A 134 -11.21 -13.86 -24.66
CA PRO A 134 -12.22 -13.08 -25.38
C PRO A 134 -13.03 -13.91 -26.37
N ASP A 135 -12.45 -15.01 -26.83
CA ASP A 135 -13.14 -16.01 -27.64
C ASP A 135 -14.37 -16.63 -26.94
N ARG A 136 -14.30 -16.77 -25.63
CA ARG A 136 -15.39 -17.36 -24.85
C ARG A 136 -16.38 -16.34 -24.30
N PHE A 137 -15.88 -15.16 -23.91
CA PHE A 137 -16.72 -14.14 -23.27
C PHE A 137 -16.57 -12.78 -23.96
N GLY A 138 -17.67 -12.31 -24.54
CA GLY A 138 -17.75 -10.98 -25.11
C GLY A 138 -18.30 -9.92 -24.17
N PHE A 139 -18.69 -10.33 -22.97
CA PHE A 139 -19.25 -9.42 -21.95
C PHE A 139 -18.70 -9.80 -20.58
N ALA A 140 -18.24 -8.79 -19.83
CA ALA A 140 -17.83 -8.98 -18.43
C ALA A 140 -18.51 -7.92 -17.56
N GLY A 141 -19.20 -8.38 -16.52
CA GLY A 141 -19.85 -7.50 -15.55
C GLY A 141 -19.29 -7.76 -14.17
N SER A 142 -19.00 -6.68 -13.43
CA SER A 142 -18.41 -6.77 -12.11
C SER A 142 -19.17 -5.89 -11.12
N MET A 143 -19.59 -6.46 -10.00
CA MET A 143 -20.23 -5.72 -8.91
C MET A 143 -19.34 -5.83 -7.68
N SER A 144 -18.94 -4.70 -7.12
CA SER A 144 -18.06 -4.68 -5.94
C SER A 144 -16.85 -5.62 -6.15
N GLY A 145 -16.24 -5.54 -7.32
CA GLY A 145 -15.19 -6.46 -7.72
C GLY A 145 -13.78 -5.98 -7.41
N PHE A 146 -12.90 -6.94 -7.13
CA PHE A 146 -11.50 -6.67 -6.88
C PHE A 146 -10.75 -6.73 -8.20
N LEU A 147 -10.89 -5.66 -8.99
CA LEU A 147 -10.41 -5.64 -10.38
C LEU A 147 -8.93 -5.28 -10.55
N TYR A 148 -8.24 -5.01 -9.45
CA TYR A 148 -6.82 -4.67 -9.47
C TYR A 148 -6.14 -5.40 -8.29
N PRO A 149 -6.18 -6.74 -8.31
CA PRO A 149 -5.70 -7.55 -7.17
C PRO A 149 -4.20 -7.47 -6.89
N SER A 150 -3.39 -7.24 -7.93
CA SER A 150 -1.93 -7.14 -7.78
C SER A 150 -1.48 -5.79 -7.20
N ASN A 151 -2.40 -4.83 -7.12
CA ASN A 151 -2.12 -3.54 -6.52
C ASN A 151 -1.45 -3.71 -5.16
N THR A 152 -0.50 -2.84 -4.89
CA THR A 152 0.28 -2.87 -3.65
C THR A 152 -0.56 -3.15 -2.39
N THR A 153 -1.51 -2.28 -2.09
CA THR A 153 -2.34 -2.44 -0.89
C THR A 153 -3.34 -3.57 -1.01
N THR A 154 -3.84 -3.79 -2.23
CA THR A 154 -4.88 -4.79 -2.47
C THR A 154 -4.39 -6.23 -2.27
N ASN A 155 -3.19 -6.55 -2.72
CA ASN A 155 -2.72 -7.93 -2.65
C ASN A 155 -2.50 -8.38 -1.21
N GLY A 156 -2.04 -7.45 -0.37
CA GLY A 156 -1.93 -7.71 1.06
C GLY A 156 -3.29 -7.84 1.73
N ALA A 157 -4.25 -7.05 1.27
CA ALA A 157 -5.61 -7.08 1.80
C ALA A 157 -6.34 -8.37 1.44
N ILE A 158 -6.15 -8.84 0.21
CA ILE A 158 -6.77 -10.09 -0.25
C ILE A 158 -6.18 -11.27 0.53
N ALA A 159 -4.87 -11.27 0.72
CA ALA A 159 -4.21 -12.34 1.46
C ALA A 159 -4.70 -12.41 2.91
N ALA A 160 -4.87 -11.25 3.53
CA ALA A 160 -5.30 -11.17 4.92
C ALA A 160 -6.74 -11.66 5.07
N GLY A 161 -7.62 -11.20 4.18
CA GLY A 161 -9.02 -11.54 4.23
C GLY A 161 -9.32 -12.99 3.85
N MET A 162 -8.54 -13.53 2.92
CA MET A 162 -8.69 -14.92 2.49
C MET A 162 -8.28 -15.88 3.62
N GLN A 163 -7.30 -15.48 4.42
CA GLN A 163 -6.89 -16.28 5.58
C GLN A 163 -7.91 -16.16 6.72
N GLN A 164 -8.41 -14.95 6.95
CA GLN A 164 -9.33 -14.67 8.06
C GLN A 164 -10.66 -15.40 7.88
N PHE A 165 -11.26 -15.26 6.70
CA PHE A 165 -12.59 -15.78 6.42
C PHE A 165 -12.57 -17.17 5.78
N GLY A 166 -11.55 -17.44 4.97
CA GLY A 166 -11.46 -18.70 4.22
C GLY A 166 -10.46 -19.72 4.76
N GLY A 167 -9.54 -19.28 5.63
CA GLY A 167 -8.53 -20.15 6.19
C GLY A 167 -7.51 -20.65 5.17
N VAL A 168 -7.32 -19.90 4.09
CA VAL A 168 -6.42 -20.30 3.00
C VAL A 168 -5.30 -19.29 2.77
N ASP A 169 -4.19 -19.80 2.21
CA ASP A 169 -2.99 -19.01 1.95
C ASP A 169 -2.88 -18.69 0.46
N THR A 170 -2.95 -17.41 0.11
CA THR A 170 -2.92 -16.99 -1.30
C THR A 170 -1.54 -17.07 -1.96
N ASN A 171 -0.51 -17.38 -1.19
CA ASN A 171 0.79 -17.75 -1.75
C ASN A 171 0.66 -18.98 -2.65
N GLY A 172 -0.27 -19.88 -2.31
CA GLY A 172 -0.55 -21.05 -3.10
C GLY A 172 -1.43 -20.78 -4.32
N MET A 173 -1.97 -19.57 -4.42
CA MET A 173 -2.79 -19.16 -5.56
C MET A 173 -1.91 -18.70 -6.73
N TRP A 174 -1.23 -17.57 -6.57
CA TRP A 174 -0.39 -17.00 -7.63
C TRP A 174 1.05 -16.77 -7.17
N GLY A 175 1.50 -17.56 -6.19
CA GLY A 175 2.82 -17.38 -5.61
C GLY A 175 2.85 -16.21 -4.64
N ALA A 176 3.98 -16.02 -3.97
CA ALA A 176 4.18 -14.84 -3.14
C ALA A 176 4.15 -13.63 -4.06
N PRO A 177 3.43 -12.57 -3.68
CA PRO A 177 3.23 -11.42 -4.58
C PRO A 177 4.52 -10.68 -5.00
N GLN A 178 5.61 -10.91 -4.27
CA GLN A 178 6.90 -10.27 -4.56
C GLN A 178 7.53 -10.87 -5.84
N LEU A 179 7.13 -12.09 -6.18
CA LEU A 179 7.60 -12.75 -7.40
C LEU A 179 6.97 -12.17 -8.68
N GLY A 180 5.87 -11.43 -8.53
CA GLY A 180 5.31 -10.63 -9.61
C GLY A 180 4.22 -11.29 -10.45
N ARG A 181 3.83 -12.51 -10.09
CA ARG A 181 2.87 -13.28 -10.89
C ARG A 181 1.40 -12.90 -10.67
N TRP A 182 1.09 -12.09 -9.67
CA TRP A 182 -0.28 -11.59 -9.49
C TRP A 182 -0.66 -10.68 -10.67
N LYS A 183 0.34 -9.99 -11.23
CA LYS A 183 0.14 -9.12 -12.39
C LYS A 183 -0.34 -9.90 -13.63
N TRP A 184 0.08 -11.15 -13.74
CA TRP A 184 -0.29 -12.00 -14.89
C TRP A 184 -1.79 -12.18 -15.05
N HIS A 185 -2.50 -12.23 -13.91
CA HIS A 185 -3.93 -12.52 -13.89
C HIS A 185 -4.79 -11.28 -13.62
N ASP A 186 -4.21 -10.10 -13.79
CA ASP A 186 -4.81 -8.84 -13.31
C ASP A 186 -5.44 -8.03 -14.45
N PRO A 187 -6.77 -7.84 -14.43
CA PRO A 187 -7.45 -7.12 -15.51
C PRO A 187 -7.18 -5.60 -15.56
N TRP A 188 -6.78 -5.00 -14.44
CA TRP A 188 -6.28 -3.62 -14.44
C TRP A 188 -4.99 -3.55 -15.24
N VAL A 189 -4.05 -4.45 -14.92
CA VAL A 189 -2.74 -4.47 -15.56
C VAL A 189 -2.90 -4.73 -17.06
N HIS A 190 -3.86 -5.59 -17.41
CA HIS A 190 -4.08 -6.00 -18.79
C HIS A 190 -5.40 -5.44 -19.32
N ALA A 191 -5.73 -4.22 -18.92
CA ALA A 191 -6.94 -3.54 -19.38
C ALA A 191 -6.92 -3.30 -20.89
N SER A 192 -5.71 -3.22 -21.45
CA SER A 192 -5.53 -3.03 -22.89
C SER A 192 -6.14 -4.17 -23.71
N LEU A 193 -6.09 -5.38 -23.17
CA LEU A 193 -6.73 -6.54 -23.79
C LEU A 193 -8.24 -6.32 -23.91
N LEU A 194 -8.86 -5.91 -22.82
CA LEU A 194 -10.30 -5.65 -22.80
C LEU A 194 -10.70 -4.52 -23.78
N ALA A 195 -9.89 -3.48 -23.84
CA ALA A 195 -10.17 -2.32 -24.69
C ALA A 195 -10.10 -2.67 -26.19
N GLN A 196 -9.03 -3.34 -26.58
CA GLN A 196 -8.78 -3.62 -28.00
C GLN A 196 -9.61 -4.79 -28.54
N ASN A 197 -9.97 -5.74 -27.68
CA ASN A 197 -10.89 -6.82 -28.05
C ASN A 197 -12.35 -6.33 -28.11
N ASN A 198 -12.58 -5.09 -27.67
CA ASN A 198 -13.90 -4.46 -27.65
C ASN A 198 -14.92 -5.21 -26.79
N THR A 199 -14.45 -5.84 -25.73
CA THR A 199 -15.32 -6.49 -24.75
C THR A 199 -16.29 -5.47 -24.17
N ARG A 200 -17.56 -5.83 -24.10
CA ARG A 200 -18.54 -5.02 -23.39
C ARG A 200 -18.27 -5.19 -21.90
N VAL A 201 -17.88 -4.10 -21.24
CA VAL A 201 -17.59 -4.14 -19.81
C VAL A 201 -18.66 -3.34 -19.05
N TRP A 202 -19.04 -3.86 -17.89
CA TRP A 202 -20.03 -3.24 -17.03
C TRP A 202 -19.46 -3.30 -15.62
N VAL A 203 -19.28 -2.14 -15.00
CA VAL A 203 -18.68 -2.06 -13.68
C VAL A 203 -19.59 -1.27 -12.76
N TRP A 204 -19.95 -1.87 -11.64
CA TRP A 204 -20.76 -1.24 -10.60
C TRP A 204 -20.02 -1.35 -9.28
N SER A 205 -19.89 -0.23 -8.59
CA SER A 205 -19.30 -0.21 -7.26
C SER A 205 -19.65 1.09 -6.55
N PRO A 206 -20.32 1.00 -5.40
CA PRO A 206 -20.62 2.22 -4.63
C PRO A 206 -19.36 2.86 -4.08
N THR A 207 -19.39 4.16 -3.81
CA THR A 207 -18.24 4.86 -3.26
C THR A 207 -18.26 4.84 -1.72
N ASN A 208 -18.75 3.73 -1.15
CA ASN A 208 -18.64 3.46 0.27
C ASN A 208 -18.26 1.98 0.51
N PRO A 209 -17.56 1.68 1.61
CA PRO A 209 -17.10 0.32 1.91
C PRO A 209 -18.06 -0.53 2.76
N GLY A 210 -19.31 -0.12 2.90
CA GLY A 210 -20.29 -0.89 3.65
C GLY A 210 -20.48 -2.29 3.09
N ALA A 211 -20.48 -3.30 3.97
CA ALA A 211 -20.73 -4.69 3.59
C ALA A 211 -21.54 -5.39 4.67
N SER A 212 -22.82 -5.63 4.39
CA SER A 212 -23.75 -6.26 5.33
C SER A 212 -23.27 -7.65 5.75
N ASP A 213 -22.66 -8.36 4.82
CA ASP A 213 -22.01 -9.64 5.09
C ASP A 213 -20.52 -9.47 4.82
N PRO A 214 -19.72 -9.25 5.87
CA PRO A 214 -18.27 -9.05 5.70
C PRO A 214 -17.55 -10.19 4.99
N ALA A 215 -17.95 -11.43 5.20
CA ALA A 215 -17.30 -12.58 4.58
C ALA A 215 -17.40 -12.54 3.05
N ALA A 216 -18.52 -12.04 2.54
CA ALA A 216 -18.72 -11.91 1.10
C ALA A 216 -17.68 -11.02 0.41
N MET A 217 -17.18 -10.02 1.15
CA MET A 217 -16.16 -9.10 0.66
C MET A 217 -14.80 -9.32 1.32
N ILE A 218 -14.64 -10.47 1.98
CA ILE A 218 -13.52 -10.80 2.88
C ILE A 218 -13.02 -9.63 3.76
N GLY A 219 -13.95 -8.79 4.21
CA GLY A 219 -13.65 -7.70 5.12
C GLY A 219 -12.82 -6.59 4.51
N GLN A 220 -12.84 -6.49 3.18
CA GLN A 220 -11.97 -5.58 2.45
C GLN A 220 -12.72 -4.90 1.32
N ALA A 221 -13.94 -4.46 1.61
CA ALA A 221 -14.79 -3.80 0.62
C ALA A 221 -14.20 -2.47 0.15
N ALA A 222 -13.40 -1.83 1.00
CA ALA A 222 -12.73 -0.58 0.63
C ALA A 222 -11.76 -0.75 -0.53
N GLU A 223 -11.13 -1.93 -0.61
CA GLU A 223 -10.22 -2.24 -1.71
C GLU A 223 -10.97 -2.50 -3.02
N ALA A 224 -12.13 -3.14 -2.94
CA ALA A 224 -12.97 -3.36 -4.13
C ALA A 224 -13.49 -2.03 -4.68
N MET A 225 -13.79 -1.11 -3.76
CA MET A 225 -14.22 0.24 -4.08
C MET A 225 -13.15 0.97 -4.87
N GLY A 226 -11.92 0.94 -4.35
CA GLY A 226 -10.79 1.61 -4.98
C GLY A 226 -10.37 0.95 -6.28
N ASN A 227 -10.37 -0.39 -6.30
CA ASN A 227 -10.01 -1.16 -7.49
C ASN A 227 -10.91 -0.83 -8.67
N SER A 228 -12.21 -0.69 -8.40
CA SER A 228 -13.20 -0.46 -9.46
C SER A 228 -13.06 0.95 -10.02
N ARG A 229 -12.77 1.91 -9.15
CA ARG A 229 -12.52 3.30 -9.56
C ARG A 229 -11.25 3.38 -10.42
N MET A 230 -10.19 2.71 -9.98
CA MET A 230 -8.92 2.72 -10.69
C MET A 230 -9.01 1.97 -12.01
N PHE A 231 -9.86 0.95 -12.07
CA PHE A 231 -10.06 0.21 -13.31
C PHE A 231 -10.76 1.06 -14.36
N TYR A 232 -11.70 1.89 -13.90
CA TYR A 232 -12.40 2.82 -14.80
C TYR A 232 -11.42 3.80 -15.45
N ASN A 233 -10.52 4.36 -14.64
CA ASN A 233 -9.54 5.33 -15.14
C ASN A 233 -8.52 4.67 -16.08
N GLN A 234 -8.12 3.45 -15.75
CA GLN A 234 -7.13 2.70 -16.52
C GLN A 234 -7.72 2.27 -17.86
N TYR A 235 -8.96 1.78 -17.83
CA TYR A 235 -9.66 1.33 -19.02
C TYR A 235 -9.82 2.45 -20.03
N ARG A 236 -10.22 3.63 -19.55
CA ARG A 236 -10.38 4.80 -20.42
C ARG A 236 -9.03 5.28 -20.98
N SER A 237 -7.97 5.15 -20.19
CA SER A 237 -6.66 5.66 -20.57
C SER A 237 -5.95 4.78 -21.60
N VAL A 238 -6.33 3.50 -21.69
CA VAL A 238 -5.80 2.59 -22.71
C VAL A 238 -6.71 2.48 -23.94
N GLY A 239 -7.68 3.39 -24.06
CA GLY A 239 -8.50 3.49 -25.26
C GLY A 239 -9.82 2.73 -25.22
N GLY A 240 -10.23 2.29 -24.04
CA GLY A 240 -11.49 1.59 -23.87
C GLY A 240 -12.69 2.49 -24.16
N HIS A 241 -13.63 1.99 -24.96
CA HIS A 241 -14.81 2.77 -25.35
C HIS A 241 -16.08 1.93 -25.51
N ASN A 242 -16.15 0.79 -24.82
CA ASN A 242 -17.34 -0.05 -24.83
C ASN A 242 -17.69 -0.45 -23.40
N GLY A 243 -17.75 0.55 -22.53
CA GLY A 243 -17.98 0.33 -21.11
C GLY A 243 -19.17 1.08 -20.55
N HIS A 244 -19.75 0.52 -19.48
CA HIS A 244 -20.78 1.19 -18.70
C HIS A 244 -20.30 1.19 -17.26
N PHE A 245 -20.16 2.38 -16.68
CA PHE A 245 -19.65 2.52 -15.32
C PHE A 245 -20.65 3.28 -14.45
N ASP A 246 -20.81 2.82 -13.21
CA ASP A 246 -21.76 3.41 -12.29
C ASP A 246 -21.19 3.34 -10.88
N PHE A 247 -21.02 4.52 -10.27
CA PHE A 247 -20.38 4.65 -8.96
C PHE A 247 -21.29 5.43 -8.00
N PRO A 248 -22.38 4.82 -7.55
CA PRO A 248 -23.35 5.51 -6.70
C PRO A 248 -22.80 5.77 -5.30
N ALA A 249 -23.20 6.88 -4.68
CA ALA A 249 -22.72 7.23 -3.34
C ALA A 249 -23.15 6.19 -2.32
N SER A 250 -24.43 5.83 -2.36
CA SER A 250 -25.01 4.87 -1.42
C SER A 250 -25.16 3.49 -2.08
N GLY A 251 -25.38 2.49 -1.24
CA GLY A 251 -25.50 1.11 -1.68
C GLY A 251 -24.59 0.18 -0.90
N ASP A 252 -25.10 -1.00 -0.60
CA ASP A 252 -24.35 -2.03 0.10
C ASP A 252 -23.47 -2.81 -0.87
N ASN A 253 -22.30 -3.23 -0.39
CA ASN A 253 -21.48 -4.21 -1.09
C ASN A 253 -21.95 -5.59 -0.61
N GLY A 254 -23.11 -6.00 -1.12
CA GLY A 254 -23.76 -7.23 -0.71
C GLY A 254 -25.01 -7.48 -1.53
N TRP A 255 -25.71 -8.58 -1.23
CA TRP A 255 -26.80 -9.06 -2.09
C TRP A 255 -27.99 -8.11 -2.19
N GLY A 256 -28.20 -7.28 -1.17
CA GLY A 256 -29.26 -6.28 -1.22
C GLY A 256 -29.15 -5.34 -2.43
N SER A 257 -27.92 -5.07 -2.85
CA SER A 257 -27.66 -4.26 -4.05
C SER A 257 -27.39 -5.10 -5.31
N TRP A 258 -26.75 -6.25 -5.13
CA TRP A 258 -26.30 -7.05 -6.28
C TRP A 258 -27.48 -7.66 -7.04
N ALA A 259 -28.50 -8.10 -6.30
CA ALA A 259 -29.69 -8.68 -6.91
C ALA A 259 -30.42 -7.71 -7.83
N PRO A 260 -30.83 -6.53 -7.34
CA PRO A 260 -31.43 -5.51 -8.23
C PRO A 260 -30.50 -5.04 -9.36
N GLN A 261 -29.18 -5.05 -9.14
CA GLN A 261 -28.23 -4.61 -10.15
C GLN A 261 -28.15 -5.58 -11.33
N LEU A 262 -28.42 -6.86 -11.08
CA LEU A 262 -28.52 -7.85 -12.15
C LEU A 262 -29.68 -7.50 -13.08
N GLY A 263 -30.80 -7.09 -12.50
CA GLY A 263 -31.95 -6.63 -13.27
C GLY A 263 -31.63 -5.39 -14.09
N ALA A 264 -30.84 -4.49 -13.52
CA ALA A 264 -30.48 -3.24 -14.19
C ALA A 264 -29.60 -3.47 -15.42
N MET A 265 -28.71 -4.45 -15.34
CA MET A 265 -27.78 -4.72 -16.44
C MET A 265 -28.28 -5.81 -17.39
N SER A 266 -29.45 -6.39 -17.10
CA SER A 266 -29.97 -7.52 -17.88
C SER A 266 -30.17 -7.16 -19.36
N GLY A 267 -30.72 -5.99 -19.63
CA GLY A 267 -30.92 -5.53 -21.00
C GLY A 267 -29.61 -5.36 -21.75
N ASP A 268 -28.58 -4.95 -21.02
CA ASP A 268 -27.25 -4.76 -21.59
C ASP A 268 -26.57 -6.10 -21.91
N ILE A 269 -26.80 -7.11 -21.06
CA ILE A 269 -26.26 -8.44 -21.29
C ILE A 269 -26.87 -9.02 -22.55
N VAL A 270 -28.20 -8.93 -22.65
CA VAL A 270 -28.95 -9.48 -23.78
C VAL A 270 -28.57 -8.79 -25.09
N GLY A 271 -28.38 -7.47 -25.04
CA GLY A 271 -27.99 -6.71 -26.22
C GLY A 271 -26.62 -7.10 -26.71
N ALA A 272 -25.75 -7.50 -25.79
CA ALA A 272 -24.37 -7.86 -26.10
C ALA A 272 -24.22 -9.28 -26.68
N ILE A 273 -24.96 -10.25 -26.14
CA ILE A 273 -24.71 -11.66 -26.45
C ILE A 273 -25.81 -12.37 -27.27
N ARG A 274 -27.04 -11.86 -27.22
CA ARG A 274 -28.12 -12.36 -28.08
C ARG A 274 -28.25 -11.46 -29.31
N ALA B 8 19.12 37.25 21.25
CA ALA B 8 18.68 36.00 21.93
C ALA B 8 19.85 35.32 22.66
N ALA B 9 20.76 34.72 21.91
CA ALA B 9 21.99 34.14 22.45
C ALA B 9 22.96 33.85 21.31
N PRO B 10 24.19 34.36 21.39
CA PRO B 10 25.21 34.05 20.39
C PRO B 10 25.47 32.55 20.25
N TYR B 11 25.60 32.10 19.01
CA TYR B 11 26.12 30.76 18.72
C TYR B 11 27.06 30.86 17.53
N GLU B 12 27.91 29.86 17.36
CA GLU B 12 28.86 29.84 16.25
C GLU B 12 28.21 29.42 14.95
N ASN B 13 28.43 30.21 13.90
CA ASN B 13 28.07 29.82 12.55
C ASN B 13 29.25 29.11 11.89
N LEU B 14 29.48 27.85 12.25
CA LEU B 14 30.61 27.08 11.74
C LEU B 14 30.47 26.78 10.25
N MET B 15 31.61 26.70 9.56
CA MET B 15 31.66 26.15 8.21
C MET B 15 32.56 24.92 8.26
N VAL B 16 31.95 23.76 8.49
CA VAL B 16 32.66 22.50 8.67
C VAL B 16 32.91 21.84 7.32
N PRO B 17 34.17 21.62 6.94
CA PRO B 17 34.45 20.95 5.67
C PRO B 17 33.86 19.54 5.60
N SER B 18 33.26 19.22 4.46
CA SER B 18 32.84 17.85 4.15
C SER B 18 33.58 17.42 2.89
N PRO B 19 34.74 16.80 3.06
CA PRO B 19 35.46 16.22 1.91
C PRO B 19 34.57 15.32 1.04
N SER B 20 33.68 14.55 1.67
CA SER B 20 32.84 13.60 0.95
C SER B 20 31.82 14.30 0.04
N MET B 21 31.32 15.46 0.47
CA MET B 21 30.39 16.26 -0.35
C MET B 21 31.10 17.32 -1.21
N GLY B 22 32.38 17.56 -0.96
CA GLY B 22 33.15 18.51 -1.72
C GLY B 22 32.80 19.98 -1.47
N ARG B 23 32.31 20.28 -0.27
CA ARG B 23 31.99 21.65 0.12
C ARG B 23 31.92 21.80 1.64
N ASP B 24 31.93 23.05 2.11
CA ASP B 24 31.75 23.35 3.54
C ASP B 24 30.26 23.36 3.88
N ILE B 25 29.92 22.77 5.02
CA ILE B 25 28.54 22.69 5.50
C ILE B 25 28.34 23.71 6.62
N PRO B 26 27.36 24.61 6.50
CA PRO B 26 27.03 25.49 7.62
C PRO B 26 26.46 24.69 8.79
N VAL B 27 27.02 24.87 9.99
CA VAL B 27 26.56 24.18 11.19
C VAL B 27 26.43 25.17 12.33
N ALA B 28 25.19 25.41 12.78
CA ALA B 28 24.95 26.20 13.97
C ALA B 28 25.38 25.39 15.19
N PHE B 29 26.23 25.96 16.03
CA PHE B 29 26.83 25.24 17.16
C PHE B 29 26.81 26.09 18.43
N LEU B 30 26.07 25.64 19.44
CA LEU B 30 26.13 26.24 20.77
C LEU B 30 26.82 25.28 21.72
N ALA B 31 27.99 25.66 22.22
CA ALA B 31 28.74 24.83 23.14
C ALA B 31 28.02 24.74 24.47
N GLY B 32 27.82 23.53 24.98
CA GLY B 32 27.25 23.32 26.30
C GLY B 32 27.77 22.10 27.04
N GLY B 33 28.81 21.47 26.50
CA GLY B 33 29.36 20.25 27.07
C GLY B 33 29.90 19.30 26.01
N PRO B 34 30.59 18.25 26.44
CA PRO B 34 31.21 17.29 25.51
C PRO B 34 30.23 16.46 24.68
N HIS B 35 28.98 16.31 25.12
CA HIS B 35 27.97 15.56 24.37
C HIS B 35 26.95 16.51 23.74
N ALA B 36 26.56 16.20 22.51
CA ALA B 36 25.74 17.10 21.70
C ALA B 36 24.48 16.41 21.21
N VAL B 37 23.46 17.22 20.91
CA VAL B 37 22.30 16.75 20.19
C VAL B 37 22.39 17.34 18.78
N TYR B 38 22.35 16.47 17.77
CA TYR B 38 22.35 16.89 16.37
C TYR B 38 20.90 17.05 15.94
N LEU B 39 20.54 18.23 15.44
CA LEU B 39 19.16 18.53 15.05
C LEU B 39 19.05 18.49 13.53
N LEU B 40 18.14 17.66 13.02
CA LEU B 40 18.01 17.39 11.59
C LEU B 40 16.68 17.92 11.07
N ASP B 41 16.76 18.73 10.01
CA ASP B 41 15.63 19.48 9.45
C ASP B 41 14.61 18.60 8.71
N ALA B 42 13.44 19.19 8.42
CA ALA B 42 12.44 18.58 7.54
C ALA B 42 12.88 18.65 6.08
N PHE B 43 12.05 18.14 5.17
CA PHE B 43 12.43 17.99 3.76
C PHE B 43 12.82 19.31 3.09
N ASN B 44 12.04 20.37 3.32
CA ASN B 44 12.39 21.69 2.79
C ASN B 44 13.36 22.43 3.72
N ALA B 45 14.54 21.85 3.91
CA ALA B 45 15.50 22.31 4.90
C ALA B 45 16.12 23.63 4.52
N GLY B 46 16.36 24.49 5.50
CA GLY B 46 17.00 25.77 5.28
C GLY B 46 18.40 25.58 4.70
N PRO B 47 18.70 26.24 3.57
CA PRO B 47 20.02 26.06 2.94
C PRO B 47 21.20 26.61 3.74
N ASP B 48 21.02 27.74 4.41
CA ASP B 48 22.09 28.43 5.13
C ASP B 48 21.98 28.33 6.65
N VAL B 49 20.75 28.36 7.14
CA VAL B 49 20.46 28.19 8.57
C VAL B 49 19.36 27.16 8.74
N SER B 50 19.60 26.18 9.62
CA SER B 50 18.63 25.14 9.89
C SER B 50 17.33 25.74 10.42
N ASN B 51 16.21 25.21 9.94
CA ASN B 51 14.89 25.62 10.42
C ASN B 51 14.70 25.30 11.91
N TRP B 52 15.48 24.36 12.44
CA TRP B 52 15.48 24.12 13.89
C TRP B 52 15.85 25.36 14.69
N VAL B 53 16.71 26.20 14.14
CA VAL B 53 17.12 27.46 14.78
C VAL B 53 16.03 28.54 14.68
N THR B 54 15.49 28.72 13.48
CA THR B 54 14.56 29.83 13.22
C THR B 54 13.11 29.49 13.60
N ALA B 55 12.56 28.43 13.01
CA ALA B 55 11.19 27.98 13.30
C ALA B 55 11.11 27.05 14.51
N GLY B 56 12.20 26.38 14.85
CA GLY B 56 12.22 25.37 15.89
C GLY B 56 12.60 25.88 17.27
N ASN B 57 13.05 27.14 17.34
CA ASN B 57 13.42 27.77 18.61
C ASN B 57 14.41 26.93 19.43
N ALA B 58 15.34 26.28 18.75
CA ALA B 58 16.18 25.25 19.35
C ALA B 58 17.16 25.79 20.39
N MET B 59 17.77 26.93 20.11
CA MET B 59 18.78 27.50 20.99
C MET B 59 18.19 28.03 22.31
N ASN B 60 16.97 28.56 22.26
CA ASN B 60 16.27 28.99 23.46
C ASN B 60 15.88 27.79 24.32
N THR B 61 15.33 26.77 23.67
CA THR B 61 14.81 25.59 24.34
C THR B 61 15.90 24.77 25.03
N LEU B 62 17.06 24.63 24.37
CA LEU B 62 18.09 23.69 24.80
C LEU B 62 19.29 24.33 25.52
N ALA B 63 19.38 25.65 25.54
CA ALA B 63 20.52 26.33 26.15
C ALA B 63 20.59 26.11 27.67
N GLY B 64 21.80 26.08 28.21
CA GLY B 64 22.03 25.99 29.64
C GLY B 64 21.65 24.67 30.29
N LYS B 65 21.62 23.59 29.51
CA LYS B 65 21.20 22.28 30.01
C LYS B 65 22.34 21.25 30.04
N GLY B 66 23.56 21.69 29.74
CA GLY B 66 24.74 20.84 29.86
C GLY B 66 25.05 19.97 28.66
N ILE B 67 24.37 20.21 27.55
CA ILE B 67 24.70 19.56 26.27
C ILE B 67 24.89 20.61 25.18
N SER B 68 25.71 20.28 24.19
CA SER B 68 25.90 21.12 23.02
C SER B 68 24.75 20.94 22.03
N VAL B 69 24.53 21.94 21.20
CA VAL B 69 23.51 21.90 20.15
C VAL B 69 24.21 22.04 18.80
N VAL B 70 23.89 21.14 17.88
CA VAL B 70 24.55 21.06 16.59
C VAL B 70 23.47 20.94 15.52
N ALA B 71 23.40 21.90 14.60
CA ALA B 71 22.32 21.96 13.62
C ALA B 71 22.86 22.27 12.21
N PRO B 72 23.16 21.23 11.44
CA PRO B 72 23.65 21.41 10.07
C PRO B 72 22.58 21.87 9.08
N ALA B 73 22.93 22.86 8.26
CA ALA B 73 22.05 23.37 7.23
C ALA B 73 22.40 22.74 5.89
N GLY B 74 21.48 22.86 4.93
CA GLY B 74 21.74 22.54 3.54
C GLY B 74 21.33 21.14 3.09
N GLY B 75 20.63 20.41 3.95
CA GLY B 75 20.29 19.02 3.68
C GLY B 75 18.88 18.79 3.15
N ALA B 76 18.36 19.74 2.36
CA ALA B 76 17.01 19.60 1.83
C ALA B 76 16.90 18.41 0.88
N TYR B 77 15.78 17.71 0.95
CA TYR B 77 15.43 16.63 0.01
C TYR B 77 16.58 15.63 -0.15
N SER B 78 17.10 15.16 0.99
CA SER B 78 18.26 14.28 1.04
C SER B 78 18.09 13.00 1.87
N MET B 79 17.04 12.92 2.69
CA MET B 79 16.89 11.87 3.71
C MET B 79 18.09 11.73 4.65
N TYR B 80 18.94 12.75 4.70
CA TYR B 80 20.19 12.73 5.48
C TYR B 80 20.96 11.41 5.34
N THR B 81 21.07 10.94 4.10
CA THR B 81 21.75 9.69 3.76
C THR B 81 22.79 9.92 2.67
N ASN B 82 23.55 8.87 2.36
CA ASN B 82 24.47 8.87 1.22
C ASN B 82 23.72 8.47 -0.04
N TRP B 83 23.85 9.26 -1.09
CA TRP B 83 23.21 9.00 -2.37
C TRP B 83 24.19 8.29 -3.31
N GLU B 84 23.71 7.26 -3.97
CA GLU B 84 24.53 6.47 -4.89
C GLU B 84 24.99 7.27 -6.11
N GLN B 85 24.15 8.23 -6.53
CA GLN B 85 24.39 8.98 -7.76
C GLN B 85 24.41 10.50 -7.56
N ASP B 86 24.59 10.94 -6.32
CA ASP B 86 24.72 12.37 -6.02
C ASP B 86 25.86 12.59 -5.02
N GLY B 87 27.01 13.03 -5.52
CA GLY B 87 28.17 13.28 -4.69
C GLY B 87 28.01 14.45 -3.72
N SER B 88 27.07 15.34 -4.02
CA SER B 88 26.74 16.46 -3.13
C SER B 88 25.82 16.07 -1.96
N LYS B 89 25.30 14.85 -1.95
CA LYS B 89 24.49 14.36 -0.84
C LYS B 89 25.12 13.11 -0.23
N GLN B 90 26.03 13.32 0.72
CA GLN B 90 26.69 12.24 1.43
C GLN B 90 26.57 12.50 2.92
N TRP B 91 25.31 12.54 3.38
CA TRP B 91 24.99 12.97 4.74
C TRP B 91 25.19 11.91 5.80
N ASP B 92 25.14 10.64 5.44
CA ASP B 92 25.47 9.60 6.41
C ASP B 92 26.95 9.67 6.79
N THR B 93 27.82 9.83 5.79
CA THR B 93 29.25 9.99 6.04
C THR B 93 29.52 11.27 6.82
N PHE B 94 28.88 12.38 6.44
CA PHE B 94 29.12 13.65 7.12
C PHE B 94 28.66 13.60 8.58
N LEU B 95 27.44 13.13 8.81
CA LEU B 95 26.85 13.19 10.15
C LEU B 95 27.42 12.13 11.09
N SER B 96 27.82 10.98 10.56
CA SER B 96 28.30 9.88 11.37
C SER B 96 29.82 9.85 11.54
N ALA B 97 30.54 10.67 10.77
CA ALA B 97 32.00 10.61 10.78
C ALA B 97 32.66 11.99 10.69
N GLU B 98 32.50 12.68 9.57
CA GLU B 98 33.23 13.93 9.33
C GLU B 98 32.90 15.01 10.35
N LEU B 99 31.62 15.16 10.68
CA LEU B 99 31.18 16.17 11.63
C LEU B 99 31.60 15.86 13.08
N PRO B 100 31.31 14.66 13.60
CA PRO B 100 31.78 14.31 14.95
C PRO B 100 33.30 14.30 15.07
N ASP B 101 34.02 13.93 14.02
CA ASP B 101 35.48 13.95 14.03
C ASP B 101 36.00 15.39 14.06
N TRP B 102 35.35 16.28 13.31
CA TRP B 102 35.72 17.69 13.28
C TRP B 102 35.47 18.34 14.64
N LEU B 103 34.33 18.03 15.25
CA LEU B 103 33.97 18.63 16.53
C LEU B 103 34.84 18.08 17.67
N ALA B 104 35.31 16.84 17.53
CA ALA B 104 36.23 16.26 18.49
C ALA B 104 37.61 16.91 18.36
N ALA B 105 38.02 17.15 17.12
CA ALA B 105 39.35 17.71 16.84
C ALA B 105 39.43 19.21 17.08
N ASN B 106 38.31 19.92 16.90
CA ASN B 106 38.31 21.38 16.84
C ASN B 106 37.50 22.09 17.93
N ARG B 107 36.58 21.38 18.58
CA ARG B 107 35.73 21.97 19.63
C ARG B 107 35.64 21.13 20.91
N GLY B 108 36.49 20.10 21.02
CA GLY B 108 36.67 19.37 22.26
C GLY B 108 35.52 18.48 22.69
N LEU B 109 34.64 18.11 21.76
CA LEU B 109 33.53 17.21 22.05
C LEU B 109 34.00 15.76 22.10
N ALA B 110 33.25 14.94 22.82
CA ALA B 110 33.46 13.49 22.84
C ALA B 110 33.19 12.90 21.46
N PRO B 111 33.80 11.76 21.15
CA PRO B 111 33.58 11.11 19.86
C PRO B 111 32.17 10.52 19.72
N GLY B 112 31.59 10.06 20.83
CA GLY B 112 30.31 9.38 20.80
C GLY B 112 29.39 9.73 21.95
N GLY B 113 28.33 8.93 22.10
CA GLY B 113 27.34 9.13 23.14
C GLY B 113 26.46 10.34 22.90
N HIS B 114 26.32 10.73 21.64
CA HIS B 114 25.53 11.89 21.26
C HIS B 114 24.07 11.53 20.99
N ALA B 115 23.24 12.54 20.79
CA ALA B 115 21.85 12.36 20.42
C ALA B 115 21.65 12.88 19.01
N ALA B 116 20.72 12.26 18.27
CA ALA B 116 20.25 12.77 16.99
C ALA B 116 18.74 12.92 17.09
N VAL B 117 18.22 14.07 16.68
CA VAL B 117 16.79 14.37 16.74
C VAL B 117 16.40 15.12 15.47
N GLY B 118 15.27 14.76 14.88
CA GLY B 118 14.80 15.45 13.70
C GLY B 118 13.33 15.26 13.39
N ALA B 119 12.84 16.06 12.43
CA ALA B 119 11.46 16.00 11.97
C ALA B 119 11.41 15.59 10.50
N ALA B 120 10.40 14.81 10.13
CA ALA B 120 10.20 14.34 8.75
C ALA B 120 11.40 13.53 8.23
N GLN B 121 12.12 14.03 7.22
CA GLN B 121 13.34 13.36 6.77
C GLN B 121 14.39 13.29 7.89
N GLY B 122 14.39 14.31 8.75
CA GLY B 122 15.26 14.34 9.92
C GLY B 122 14.94 13.29 10.96
N GLY B 123 13.66 12.92 11.07
CA GLY B 123 13.25 11.83 11.94
C GLY B 123 13.75 10.48 11.46
N TYR B 124 13.63 10.23 10.16
CA TYR B 124 14.27 9.07 9.55
C TYR B 124 15.77 9.09 9.84
N GLY B 125 16.38 10.26 9.58
CA GLY B 125 17.83 10.40 9.66
C GLY B 125 18.37 10.06 11.02
N ALA B 126 17.73 10.58 12.07
CA ALA B 126 18.17 10.35 13.45
C ALA B 126 18.13 8.88 13.81
N MET B 127 17.04 8.20 13.43
CA MET B 127 16.85 6.79 13.75
C MET B 127 17.84 5.91 12.99
N ALA B 128 18.08 6.24 11.73
CA ALA B 128 19.05 5.51 10.91
C ALA B 128 20.48 5.71 11.40
N LEU B 129 20.80 6.93 11.81
CA LEU B 129 22.14 7.22 12.34
C LEU B 129 22.44 6.39 13.58
N ALA B 130 21.47 6.30 14.50
CA ALA B 130 21.67 5.55 15.74
C ALA B 130 21.68 4.04 15.49
N ALA B 131 20.88 3.59 14.53
CA ALA B 131 20.77 2.16 14.21
C ALA B 131 22.08 1.60 13.68
N PHE B 132 22.70 2.34 12.77
CA PHE B 132 23.89 1.87 12.05
C PHE B 132 25.20 2.46 12.58
N HIS B 133 25.10 3.44 13.48
CA HIS B 133 26.27 4.05 14.11
C HIS B 133 26.03 4.25 15.61
N PRO B 134 25.78 3.17 16.35
CA PRO B 134 25.49 3.27 17.79
C PRO B 134 26.66 3.82 18.61
N ASP B 135 27.87 3.64 18.09
CA ASP B 135 29.08 4.22 18.68
C ASP B 135 29.01 5.75 18.79
N ARG B 136 28.38 6.38 17.80
CA ARG B 136 28.27 7.85 17.75
C ARG B 136 27.02 8.40 18.41
N PHE B 137 25.91 7.67 18.32
CA PHE B 137 24.62 8.14 18.82
C PHE B 137 23.94 7.12 19.73
N GLY B 138 23.78 7.48 21.00
CA GLY B 138 23.05 6.68 21.96
C GLY B 138 21.60 7.10 22.17
N PHE B 139 21.15 8.10 21.43
CA PHE B 139 19.77 8.59 21.50
C PHE B 139 19.29 8.97 20.11
N ALA B 140 18.08 8.57 19.76
CA ALA B 140 17.46 8.92 18.47
C ALA B 140 16.03 9.42 18.70
N GLY B 141 15.72 10.60 18.19
CA GLY B 141 14.40 11.20 18.34
C GLY B 141 13.79 11.50 16.99
N SER B 142 12.54 11.09 16.79
CA SER B 142 11.84 11.27 15.52
C SER B 142 10.49 11.92 15.75
N MET B 143 10.21 12.99 15.00
CA MET B 143 8.92 13.67 15.02
C MET B 143 8.37 13.60 13.60
N SER B 144 7.18 13.05 13.43
CA SER B 144 6.58 12.88 12.10
C SER B 144 7.56 12.25 11.10
N GLY B 145 8.27 11.22 11.53
CA GLY B 145 9.35 10.64 10.74
C GLY B 145 8.91 9.49 9.82
N PHE B 146 9.62 9.37 8.70
CA PHE B 146 9.40 8.28 7.76
C PHE B 146 10.32 7.13 8.15
N LEU B 147 9.92 6.40 9.19
CA LEU B 147 10.78 5.39 9.83
C LEU B 147 10.77 4.01 9.16
N TYR B 148 9.99 3.86 8.09
CA TYR B 148 9.88 2.61 7.36
C TYR B 148 9.84 2.94 5.86
N PRO B 149 10.90 3.57 5.35
CA PRO B 149 10.91 4.10 3.98
C PRO B 149 10.89 3.02 2.89
N SER B 150 11.42 1.84 3.17
CA SER B 150 11.45 0.74 2.18
C SER B 150 10.10 0.01 2.06
N ASN B 151 9.18 0.29 2.98
CA ASN B 151 7.82 -0.25 2.91
C ASN B 151 7.25 -0.06 1.51
N THR B 152 6.49 -1.06 1.07
CA THR B 152 5.96 -1.14 -0.29
C THR B 152 5.29 0.18 -0.74
N THR B 153 4.33 0.68 0.03
CA THR B 153 3.63 1.92 -0.32
C THR B 153 4.49 3.16 -0.07
N THR B 154 5.28 3.12 1.01
CA THR B 154 6.05 4.28 1.43
C THR B 154 7.15 4.69 0.45
N ASN B 155 7.83 3.73 -0.17
CA ASN B 155 8.92 4.05 -1.09
C ASN B 155 8.41 4.71 -2.38
N GLY B 156 7.21 4.34 -2.81
CA GLY B 156 6.54 5.00 -3.91
C GLY B 156 6.08 6.41 -3.54
N ALA B 157 5.67 6.59 -2.29
CA ALA B 157 5.20 7.88 -1.81
C ALA B 157 6.36 8.87 -1.63
N ILE B 158 7.48 8.38 -1.12
CA ILE B 158 8.67 9.21 -0.93
C ILE B 158 9.21 9.65 -2.29
N ALA B 159 9.25 8.72 -3.24
CA ALA B 159 9.71 9.01 -4.59
C ALA B 159 8.86 10.11 -5.24
N ALA B 160 7.54 10.00 -5.09
CA ALA B 160 6.60 10.95 -5.70
C ALA B 160 6.70 12.33 -5.06
N GLY B 161 6.82 12.36 -3.73
CA GLY B 161 6.91 13.61 -2.99
C GLY B 161 8.23 14.32 -3.18
N MET B 162 9.31 13.56 -3.29
CA MET B 162 10.64 14.12 -3.51
C MET B 162 10.76 14.72 -4.91
N GLN B 163 10.06 14.15 -5.88
CA GLN B 163 10.02 14.70 -7.24
C GLN B 163 9.15 15.96 -7.30
N GLN B 164 8.00 15.93 -6.63
CA GLN B 164 7.05 17.04 -6.67
C GLN B 164 7.62 18.29 -5.99
N PHE B 165 8.17 18.12 -4.79
CA PHE B 165 8.60 19.25 -3.96
C PHE B 165 10.10 19.57 -4.11
N GLY B 166 10.92 18.54 -4.31
CA GLY B 166 12.36 18.71 -4.43
C GLY B 166 12.94 18.66 -5.84
N GLY B 167 12.17 18.15 -6.79
CA GLY B 167 12.63 17.98 -8.16
C GLY B 167 13.75 16.97 -8.31
N VAL B 168 13.81 16.00 -7.41
CA VAL B 168 14.88 14.99 -7.40
C VAL B 168 14.33 13.57 -7.53
N ASP B 169 15.16 12.69 -8.07
CA ASP B 169 14.80 11.31 -8.40
C ASP B 169 15.46 10.39 -7.38
N THR B 170 14.65 9.72 -6.56
CA THR B 170 15.16 8.85 -5.48
C THR B 170 15.76 7.52 -5.96
N ASN B 171 15.64 7.23 -7.26
CA ASN B 171 16.43 6.15 -7.87
C ASN B 171 17.94 6.41 -7.71
N GLY B 172 18.33 7.68 -7.70
CA GLY B 172 19.71 8.08 -7.46
C GLY B 172 20.13 8.05 -6.00
N MET B 173 19.17 7.86 -5.09
CA MET B 173 19.45 7.77 -3.67
C MET B 173 19.90 6.35 -3.28
N TRP B 174 19.00 5.38 -3.36
CA TRP B 174 19.29 4.00 -2.97
C TRP B 174 18.99 3.00 -4.08
N GLY B 175 19.03 3.46 -5.32
CA GLY B 175 18.68 2.64 -6.47
C GLY B 175 17.19 2.52 -6.66
N ALA B 176 16.77 1.92 -7.77
CA ALA B 176 15.36 1.58 -7.97
C ALA B 176 14.97 0.63 -6.84
N PRO B 177 13.82 0.87 -6.20
CA PRO B 177 13.45 0.11 -4.99
C PRO B 177 13.24 -1.40 -5.22
N GLN B 178 13.06 -1.81 -6.46
CA GLN B 178 12.89 -3.23 -6.81
C GLN B 178 14.18 -4.02 -6.59
N LEU B 179 15.32 -3.34 -6.64
CA LEU B 179 16.63 -3.96 -6.42
C LEU B 179 16.89 -4.31 -4.94
N GLY B 180 16.10 -3.72 -4.04
CA GLY B 180 16.06 -4.14 -2.65
C GLY B 180 16.96 -3.38 -1.68
N ARG B 181 17.68 -2.38 -2.18
CA ARG B 181 18.66 -1.67 -1.36
C ARG B 181 18.08 -0.63 -0.39
N TRP B 182 16.80 -0.26 -0.54
CA TRP B 182 16.16 0.65 0.41
C TRP B 182 16.09 0.02 1.80
N LYS B 183 15.95 -1.31 1.85
CA LYS B 183 15.93 -2.07 3.10
C LYS B 183 17.22 -1.94 3.90
N TRP B 184 18.35 -1.77 3.21
CA TRP B 184 19.67 -1.63 3.83
C TRP B 184 19.74 -0.47 4.82
N HIS B 185 19.00 0.60 4.53
CA HIS B 185 19.09 1.86 5.28
C HIS B 185 17.88 2.10 6.19
N ASP B 186 17.07 1.06 6.38
CA ASP B 186 15.73 1.20 6.95
C ASP B 186 15.72 0.79 8.42
N PRO B 187 15.38 1.72 9.33
CA PRO B 187 15.39 1.42 10.76
C PRO B 187 14.24 0.51 11.24
N TRP B 188 13.13 0.45 10.52
CA TRP B 188 12.09 -0.56 10.75
C TRP B 188 12.66 -1.95 10.48
N VAL B 189 13.26 -2.13 9.30
CA VAL B 189 13.81 -3.41 8.90
C VAL B 189 14.90 -3.85 9.88
N HIS B 190 15.67 -2.89 10.37
CA HIS B 190 16.81 -3.16 11.25
C HIS B 190 16.55 -2.66 12.67
N ALA B 191 15.31 -2.81 13.13
CA ALA B 191 14.91 -2.37 14.47
C ALA B 191 15.61 -3.17 15.57
N SER B 192 16.02 -4.40 15.24
CA SER B 192 16.75 -5.26 16.17
C SER B 192 18.08 -4.65 16.59
N LEU B 193 18.70 -3.90 15.70
CA LEU B 193 19.93 -3.16 16.02
C LEU B 193 19.67 -2.14 17.13
N LEU B 194 18.61 -1.36 16.99
CA LEU B 194 18.26 -0.36 18.01
C LEU B 194 17.92 -1.00 19.35
N ALA B 195 17.23 -2.13 19.32
CA ALA B 195 16.78 -2.82 20.52
C ALA B 195 17.94 -3.40 21.32
N GLN B 196 18.84 -4.10 20.63
CA GLN B 196 19.92 -4.82 21.30
C GLN B 196 21.08 -3.90 21.69
N ASN B 197 21.26 -2.79 20.96
CA ASN B 197 22.24 -1.77 21.33
C ASN B 197 21.74 -0.89 22.49
N ASN B 198 20.47 -1.08 22.86
CA ASN B 198 19.82 -0.33 23.95
C ASN B 198 19.78 1.18 23.71
N THR B 199 19.69 1.55 22.44
CA THR B 199 19.53 2.95 22.07
C THR B 199 18.28 3.52 22.72
N ARG B 200 18.39 4.70 23.29
CA ARG B 200 17.22 5.44 23.78
C ARG B 200 16.48 5.98 22.57
N VAL B 201 15.26 5.51 22.33
CA VAL B 201 14.48 5.94 21.18
C VAL B 201 13.27 6.75 21.65
N TRP B 202 12.96 7.81 20.92
CA TRP B 202 11.85 8.69 21.23
C TRP B 202 11.12 8.95 19.92
N VAL B 203 9.87 8.54 19.84
CA VAL B 203 9.07 8.68 18.63
C VAL B 203 7.80 9.46 18.95
N TRP B 204 7.55 10.50 18.17
CA TRP B 204 6.35 11.33 18.29
C TRP B 204 5.70 11.42 16.92
N SER B 205 4.39 11.20 16.86
CA SER B 205 3.64 11.32 15.61
C SER B 205 2.15 11.37 15.90
N PRO B 206 1.48 12.47 15.55
CA PRO B 206 0.03 12.56 15.78
C PRO B 206 -0.73 11.60 14.85
N THR B 207 -1.92 11.18 15.26
CA THR B 207 -2.72 10.25 14.49
C THR B 207 -3.64 10.98 13.50
N ASN B 208 -3.24 12.18 13.09
CA ASN B 208 -3.85 12.86 11.96
C ASN B 208 -2.77 13.26 10.94
N PRO B 209 -3.13 13.33 9.65
CA PRO B 209 -2.18 13.66 8.58
C PRO B 209 -2.04 15.17 8.29
N GLY B 210 -2.55 16.04 9.18
CA GLY B 210 -2.47 17.46 8.97
C GLY B 210 -1.04 17.96 8.84
N ALA B 211 -0.79 18.82 7.86
CA ALA B 211 0.52 19.42 7.62
C ALA B 211 0.37 20.86 7.14
N SER B 212 0.67 21.80 8.04
CA SER B 212 0.52 23.23 7.74
C SER B 212 1.40 23.64 6.55
N ASP B 213 2.59 23.06 6.48
CA ASP B 213 3.49 23.20 5.34
C ASP B 213 3.68 21.83 4.69
N PRO B 214 2.94 21.56 3.61
CA PRO B 214 3.04 20.27 2.90
C PRO B 214 4.46 19.91 2.46
N ALA B 215 5.24 20.89 2.00
CA ALA B 215 6.61 20.65 1.53
C ALA B 215 7.48 20.01 2.60
N ALA B 216 7.28 20.42 3.85
CA ALA B 216 8.01 19.86 4.98
C ALA B 216 7.83 18.35 5.14
N MET B 217 6.65 17.86 4.76
CA MET B 217 6.33 16.43 4.79
C MET B 217 6.26 15.78 3.40
N ILE B 218 6.82 16.47 2.40
CA ILE B 218 6.65 16.15 0.96
C ILE B 218 5.26 15.65 0.55
N GLY B 219 4.21 16.22 1.16
CA GLY B 219 2.83 15.91 0.82
C GLY B 219 2.40 14.49 1.15
N GLN B 220 3.11 13.85 2.09
CA GLN B 220 2.89 12.44 2.41
C GLN B 220 2.90 12.22 3.92
N ALA B 221 2.22 13.11 4.64
CA ALA B 221 2.18 13.04 6.11
C ALA B 221 1.51 11.76 6.61
N ALA B 222 0.58 11.22 5.83
CA ALA B 222 -0.13 9.98 6.19
C ALA B 222 0.83 8.78 6.24
N GLU B 223 1.83 8.78 5.38
CA GLU B 223 2.83 7.71 5.37
C GLU B 223 3.76 7.79 6.58
N ALA B 224 4.10 9.01 7.02
CA ALA B 224 4.89 9.19 8.23
C ALA B 224 4.13 8.71 9.47
N MET B 225 2.83 9.00 9.48
CA MET B 225 1.92 8.57 10.53
C MET B 225 1.93 7.04 10.66
N GLY B 226 1.76 6.36 9.53
CA GLY B 226 1.75 4.91 9.49
C GLY B 226 3.10 4.29 9.77
N ASN B 227 4.17 4.94 9.30
CA ASN B 227 5.54 4.45 9.50
C ASN B 227 5.91 4.44 10.97
N SER B 228 5.49 5.48 11.69
CA SER B 228 5.82 5.63 13.10
C SER B 228 5.08 4.62 13.96
N ARG B 229 3.82 4.37 13.61
CA ARG B 229 3.01 3.36 14.30
C ARG B 229 3.59 1.97 14.09
N MET B 230 3.92 1.64 12.84
CA MET B 230 4.51 0.35 12.49
C MET B 230 5.87 0.14 13.13
N PHE B 231 6.64 1.23 13.30
CA PHE B 231 7.95 1.16 13.92
C PHE B 231 7.81 0.85 15.41
N TYR B 232 6.80 1.42 16.05
CA TYR B 232 6.54 1.17 17.46
C TYR B 232 6.25 -0.32 17.69
N ASN B 233 5.41 -0.90 16.83
CA ASN B 233 5.04 -2.31 16.91
C ASN B 233 6.22 -3.23 16.61
N GLN B 234 7.03 -2.84 15.64
CA GLN B 234 8.20 -3.61 15.23
C GLN B 234 9.27 -3.58 16.31
N TYR B 235 9.52 -2.40 16.85
CA TYR B 235 10.53 -2.19 17.89
C TYR B 235 10.24 -3.06 19.10
N ARG B 236 8.99 -3.07 19.55
CA ARG B 236 8.60 -3.84 20.73
C ARG B 236 8.63 -5.34 20.47
N SER B 237 8.33 -5.73 19.22
CA SER B 237 8.29 -7.14 18.84
C SER B 237 9.68 -7.78 18.72
N VAL B 238 10.70 -6.96 18.48
CA VAL B 238 12.10 -7.44 18.43
C VAL B 238 12.81 -7.31 19.78
N GLY B 239 12.05 -6.95 20.83
CA GLY B 239 12.57 -6.94 22.18
C GLY B 239 13.06 -5.59 22.68
N GLY B 240 12.65 -4.51 22.02
CA GLY B 240 13.02 -3.17 22.42
C GLY B 240 12.33 -2.77 23.72
N HIS B 241 13.08 -2.19 24.65
CA HIS B 241 12.55 -1.79 25.96
C HIS B 241 13.18 -0.50 26.50
N ASN B 242 13.69 0.35 25.63
CA ASN B 242 14.22 1.65 26.02
C ASN B 242 13.64 2.75 25.13
N GLY B 243 12.32 2.69 24.94
CA GLY B 243 11.63 3.63 24.07
C GLY B 243 10.58 4.48 24.78
N HIS B 244 10.33 5.65 24.20
CA HIS B 244 9.25 6.54 24.61
C HIS B 244 8.45 6.85 23.36
N PHE B 245 7.16 6.51 23.38
CA PHE B 245 6.29 6.67 22.22
C PHE B 245 5.06 7.50 22.57
N ASP B 246 4.69 8.39 21.65
CA ASP B 246 3.61 9.33 21.89
C ASP B 246 2.85 9.55 20.58
N PHE B 247 1.57 9.18 20.57
CA PHE B 247 0.72 9.26 19.38
C PHE B 247 -0.55 10.04 19.73
N PRO B 248 -0.43 11.36 19.89
CA PRO B 248 -1.57 12.20 20.28
C PRO B 248 -2.57 12.34 19.15
N ALA B 249 -3.85 12.50 19.47
CA ALA B 249 -4.89 12.63 18.45
C ALA B 249 -4.71 13.91 17.64
N SER B 250 -4.47 15.01 18.35
CA SER B 250 -4.29 16.32 17.74
C SER B 250 -2.82 16.69 17.63
N GLY B 251 -2.52 17.64 16.74
CA GLY B 251 -1.17 18.10 16.52
C GLY B 251 -0.85 18.19 15.03
N ASP B 252 -0.10 19.22 14.66
CA ASP B 252 0.36 19.42 13.30
C ASP B 252 1.63 18.60 13.03
N ASN B 253 1.74 18.09 11.81
CA ASN B 253 3.01 17.57 11.31
C ASN B 253 3.76 18.74 10.71
N GLY B 254 4.30 19.58 11.60
CA GLY B 254 4.95 20.84 11.23
C GLY B 254 5.50 21.55 12.45
N TRP B 255 6.14 22.70 12.23
CA TRP B 255 6.93 23.37 13.28
C TRP B 255 6.13 23.84 14.50
N GLY B 256 4.85 24.14 14.31
CA GLY B 256 3.99 24.54 15.42
C GLY B 256 3.92 23.51 16.53
N SER B 257 4.04 22.23 16.16
CA SER B 257 4.09 21.13 17.12
C SER B 257 5.51 20.63 17.41
N TRP B 258 6.40 20.71 16.42
CA TRP B 258 7.76 20.18 16.59
C TRP B 258 8.59 21.00 17.56
N ALA B 259 8.43 22.32 17.53
CA ALA B 259 9.15 23.21 18.44
C ALA B 259 8.85 22.94 19.91
N PRO B 260 7.58 22.99 20.34
CA PRO B 260 7.24 22.61 21.71
C PRO B 260 7.60 21.16 22.06
N GLN B 261 7.58 20.25 21.08
CA GLN B 261 7.92 18.85 21.33
C GLN B 261 9.41 18.68 21.67
N LEU B 262 10.27 19.56 21.15
CA LEU B 262 11.69 19.56 21.52
C LEU B 262 11.86 19.89 23.00
N GLY B 263 11.07 20.85 23.49
CA GLY B 263 11.05 21.17 24.91
C GLY B 263 10.60 20.01 25.77
N ALA B 264 9.60 19.27 25.30
CA ALA B 264 9.03 18.15 26.03
C ALA B 264 10.01 16.99 26.18
N MET B 265 10.87 16.79 25.19
CA MET B 265 11.83 15.68 25.20
C MET B 265 13.22 16.10 25.68
N SER B 266 13.41 17.38 25.99
CA SER B 266 14.72 17.92 26.36
C SER B 266 15.31 17.25 27.60
N GLY B 267 14.47 17.02 28.61
CA GLY B 267 14.90 16.36 29.84
C GLY B 267 15.34 14.93 29.58
N ASP B 268 14.68 14.27 28.63
CA ASP B 268 15.01 12.90 28.26
C ASP B 268 16.32 12.81 27.47
N ILE B 269 16.58 13.79 26.60
CA ILE B 269 17.84 13.86 25.87
C ILE B 269 19.00 14.02 26.84
N VAL B 270 18.87 14.98 27.74
CA VAL B 270 19.91 15.29 28.73
C VAL B 270 20.19 14.08 29.64
N GLY B 271 19.14 13.38 30.05
CA GLY B 271 19.28 12.22 30.90
C GLY B 271 20.02 11.07 30.24
N ALA B 272 19.91 10.98 28.92
CA ALA B 272 20.53 9.90 28.15
C ALA B 272 22.01 10.17 27.83
N ILE B 273 22.36 11.42 27.51
CA ILE B 273 23.68 11.74 26.96
C ILE B 273 24.60 12.53 27.89
N ARG B 274 24.03 13.32 28.80
CA ARG B 274 24.84 13.99 29.83
C ARG B 274 24.92 13.10 31.06
#